data_1YY3
#
_entry.id   1YY3
#
_cell.length_a   101.671
_cell.length_b   101.671
_cell.length_c   152.794
_cell.angle_alpha   90.00
_cell.angle_beta   90.00
_cell.angle_gamma   90.00
#
_symmetry.space_group_name_H-M   'P 4 21 2'
#
_entity_poly.entity_id   1
_entity_poly.type   'polypeptide(L)'
_entity_poly.pdbx_seq_one_letter_code
;GPLGSKVDLFDFELPERLIAQVPLEQRDASRLMVLDKHTGELTDSSFKHIISFFNEGDCLVLNNTRVLPARLFGTKEDTG
AKVELLLLKQETGDKWETLAKPAKRVKKGTVVTFGDGRLKAICTEELEHGGRKMEFQYDGIFYEVLESLGEMPLPPYIKE
QLDDKERYQTVYSKEIGSAAAPTAGLHFTEEILQQLKDKGVQIEFITLHVGLGTFRPVSADEVEEHNMHAEFYQMSEETA
AALNKVRENGGRIISVGTTSTRTLETIAGEHDGQFKASSGWTSIFIYPGYEFKAIDGMITNFHLPKSSLIMLVSALAGRE
NILRAYNHAVEEEYRFFSFGDAMLII
;
_entity_poly.pdbx_strand_id   A,B
#
# COMPACT_ATOMS: atom_id res chain seq x y z
N ASP A 8 25.39 22.35 13.59
CA ASP A 8 24.71 21.12 13.05
C ASP A 8 24.38 20.12 14.18
N LEU A 9 23.46 19.19 13.89
CA LEU A 9 23.03 18.20 14.89
C LEU A 9 23.72 16.85 14.82
N PHE A 10 24.45 16.63 13.73
CA PHE A 10 25.17 15.38 13.51
C PHE A 10 26.66 15.69 13.38
N ASP A 11 27.14 16.47 14.33
CA ASP A 11 28.54 16.87 14.40
C ASP A 11 29.13 16.61 15.80
N PHE A 12 30.45 16.42 15.85
CA PHE A 12 31.17 16.15 17.09
C PHE A 12 32.70 16.24 16.87
N GLU A 13 33.48 15.99 17.90
CA GLU A 13 34.94 16.03 17.78
C GLU A 13 35.52 14.70 17.27
N LEU A 14 36.16 14.75 16.10
CA LEU A 14 36.74 13.56 15.51
C LEU A 14 38.15 13.84 15.04
N PRO A 15 39.15 13.55 15.90
CA PRO A 15 40.60 13.74 15.66
C PRO A 15 41.08 13.00 14.41
N GLU A 16 41.53 13.75 13.40
CA GLU A 16 42.00 13.16 12.15
C GLU A 16 42.90 11.94 12.39
N ARG A 17 43.45 11.87 13.60
CA ARG A 17 44.31 10.76 13.97
C ARG A 17 43.45 9.54 14.31
N LEU A 18 42.43 9.73 15.15
CA LEU A 18 41.54 8.63 15.49
C LEU A 18 40.91 8.03 14.23
N ILE A 19 41.16 8.68 13.10
CA ILE A 19 40.68 8.19 11.81
C ILE A 19 41.78 7.27 11.26
N ALA A 20 41.53 5.96 11.32
CA ALA A 20 42.45 4.91 10.86
C ALA A 20 42.95 5.20 9.46
N GLN A 21 44.24 5.51 9.36
CA GLN A 21 44.85 5.81 8.08
C GLN A 21 44.66 4.60 7.16
N VAL A 22 45.09 3.45 7.64
CA VAL A 22 44.98 2.20 6.89
C VAL A 22 44.32 1.21 7.87
N PRO A 23 43.92 0.02 7.38
CA PRO A 23 43.29 -0.99 8.25
C PRO A 23 44.21 -1.94 9.01
N LEU A 24 43.72 -2.41 10.16
CA LEU A 24 44.47 -3.36 10.98
C LEU A 24 43.96 -4.73 10.47
N GLU A 25 43.81 -4.82 9.15
CA GLU A 25 43.31 -6.01 8.45
C GLU A 25 44.01 -7.32 8.81
N GLN A 26 44.96 -7.25 9.73
CA GLN A 26 45.64 -8.45 10.15
C GLN A 26 44.57 -9.44 10.60
N ARG A 27 43.69 -8.99 11.50
CA ARG A 27 42.60 -9.83 12.01
C ARG A 27 41.43 -9.14 12.70
N ASP A 28 40.60 -9.97 13.34
CA ASP A 28 39.41 -9.54 14.05
C ASP A 28 39.67 -8.48 15.09
N ALA A 29 40.94 -8.15 15.29
CA ALA A 29 41.32 -7.13 16.25
C ALA A 29 40.22 -6.08 16.22
N SER A 30 40.27 -5.23 15.20
CA SER A 30 39.27 -4.18 15.00
C SER A 30 38.19 -4.29 16.05
N ARG A 31 38.27 -3.44 17.07
CA ARG A 31 37.29 -3.43 18.15
C ARG A 31 35.87 -3.49 17.62
N LEU A 32 34.90 -3.54 18.53
CA LEU A 32 33.52 -3.62 18.13
C LEU A 32 32.57 -2.94 19.08
N MET A 33 32.31 -1.67 18.84
CA MET A 33 31.38 -0.92 19.68
C MET A 33 29.98 -1.54 19.53
N VAL A 34 29.41 -2.00 20.65
CA VAL A 34 28.08 -2.59 20.59
C VAL A 34 27.07 -1.69 21.25
N LEU A 35 26.12 -1.21 20.45
CA LEU A 35 25.08 -0.31 20.96
C LEU A 35 23.69 -0.91 20.93
N ASP A 36 23.01 -0.80 22.06
CA ASP A 36 21.66 -1.33 22.18
C ASP A 36 20.68 -0.35 21.57
N LYS A 37 20.19 -0.70 20.38
CA LYS A 37 19.24 0.12 19.66
C LYS A 37 18.33 0.89 20.63
N HIS A 38 17.47 0.16 21.35
CA HIS A 38 16.54 0.78 22.28
C HIS A 38 17.15 1.47 23.49
N THR A 39 17.72 0.68 24.41
CA THR A 39 18.32 1.24 25.64
C THR A 39 19.38 2.32 25.41
N GLY A 40 20.19 2.15 24.37
CA GLY A 40 21.21 3.14 24.13
C GLY A 40 22.47 2.79 24.87
N GLU A 41 22.44 1.66 25.59
CA GLU A 41 23.65 1.22 26.30
C GLU A 41 24.77 1.20 25.26
N LEU A 42 26.02 1.17 25.68
CA LEU A 42 27.10 1.20 24.69
C LEU A 42 28.39 0.47 25.04
N THR A 43 28.30 -0.83 25.33
CA THR A 43 29.49 -1.62 25.67
C THR A 43 30.58 -1.62 24.58
N ASP A 44 31.68 -2.36 24.80
CA ASP A 44 32.77 -2.43 23.81
C ASP A 44 33.04 -3.88 23.47
N SER A 45 34.23 -4.13 22.90
CA SER A 45 34.65 -5.48 22.56
C SER A 45 35.53 -5.56 21.34
N SER A 46 35.65 -6.77 20.78
CA SER A 46 36.48 -7.02 19.61
C SER A 46 35.72 -7.96 18.67
N PHE A 47 36.04 -7.92 17.40
CA PHE A 47 35.33 -8.72 16.41
C PHE A 47 35.51 -10.25 16.44
N LYS A 48 36.07 -10.80 17.51
CA LYS A 48 36.22 -12.25 17.57
C LYS A 48 34.97 -12.82 18.22
N HIS A 49 34.61 -12.20 19.33
CA HIS A 49 33.46 -12.59 20.13
C HIS A 49 32.16 -12.35 19.38
N ILE A 50 32.26 -11.66 18.25
CA ILE A 50 31.12 -11.33 17.40
C ILE A 50 29.99 -12.35 17.51
N ILE A 51 30.28 -13.56 17.04
CA ILE A 51 29.34 -14.68 17.04
C ILE A 51 28.58 -14.89 18.35
N SER A 52 29.10 -14.31 19.43
CA SER A 52 28.47 -14.44 20.73
C SER A 52 27.24 -13.54 20.86
N PHE A 53 26.91 -12.84 19.79
CA PHE A 53 25.74 -11.95 19.84
C PHE A 53 24.62 -12.41 18.93
N PHE A 54 24.87 -13.47 18.18
CA PHE A 54 23.86 -13.97 17.28
C PHE A 54 23.29 -15.27 17.80
N ASN A 55 21.96 -15.35 17.82
CA ASN A 55 21.27 -16.54 18.29
C ASN A 55 21.02 -17.41 17.08
N GLU A 56 20.32 -18.50 17.25
CA GLU A 56 20.04 -19.36 16.10
C GLU A 56 18.92 -18.65 15.39
N GLY A 57 18.57 -19.13 14.20
CA GLY A 57 17.49 -18.51 13.48
C GLY A 57 17.71 -17.05 13.15
N ASP A 58 18.96 -16.61 13.19
CA ASP A 58 19.27 -15.24 12.82
C ASP A 58 19.89 -15.35 11.44
N CYS A 59 19.74 -14.30 10.65
CA CYS A 59 20.32 -14.29 9.31
C CYS A 59 21.15 -13.03 9.13
N LEU A 60 22.24 -13.18 8.39
CA LEU A 60 23.11 -12.05 8.08
C LEU A 60 23.05 -11.84 6.59
N VAL A 61 22.77 -10.61 6.18
CA VAL A 61 22.72 -10.34 4.77
C VAL A 61 24.04 -9.69 4.42
N LEU A 62 24.73 -10.32 3.48
CA LEU A 62 26.02 -9.84 3.03
C LEU A 62 25.94 -9.23 1.66
N ASN A 63 26.43 -7.99 1.58
CA ASN A 63 26.42 -7.23 0.34
C ASN A 63 27.33 -7.79 -0.75
N ASN A 64 27.64 -9.08 -0.69
CA ASN A 64 28.48 -9.73 -1.68
C ASN A 64 28.39 -9.04 -3.06
N THR A 65 29.56 -8.80 -3.67
CA THR A 65 29.60 -8.16 -4.98
C THR A 65 30.34 -9.03 -6.00
N ARG A 66 30.08 -8.77 -7.28
CA ARG A 66 30.68 -9.55 -8.36
C ARG A 66 30.85 -8.68 -9.63
N VAL A 67 32.09 -8.55 -10.10
CA VAL A 67 32.38 -7.77 -11.31
C VAL A 67 31.62 -8.39 -12.49
N LEU A 68 30.73 -9.32 -12.14
CA LEU A 68 29.89 -10.08 -13.06
C LEU A 68 29.07 -9.33 -14.14
N PRO A 69 28.87 -8.00 -14.01
CA PRO A 69 28.08 -7.49 -15.12
C PRO A 69 28.87 -7.70 -16.39
N ALA A 70 28.59 -8.80 -17.07
CA ALA A 70 29.27 -9.12 -18.31
C ALA A 70 28.60 -8.19 -19.28
N ARG A 71 29.33 -7.74 -20.28
CA ARG A 71 28.67 -6.87 -21.23
C ARG A 71 28.93 -7.23 -22.67
N LEU A 72 27.89 -7.18 -23.47
CA LEU A 72 27.96 -7.48 -24.89
C LEU A 72 27.90 -6.18 -25.68
N PHE A 73 28.77 -6.05 -26.67
CA PHE A 73 28.77 -4.86 -27.52
C PHE A 73 28.23 -5.27 -28.86
N GLY A 74 26.96 -5.00 -29.08
CA GLY A 74 26.35 -5.36 -30.33
C GLY A 74 26.05 -4.11 -31.11
N THR A 75 25.26 -4.28 -32.15
CA THR A 75 24.91 -3.15 -32.99
C THR A 75 23.45 -3.33 -33.37
N LYS A 76 22.70 -2.22 -33.35
CA LYS A 76 21.29 -2.31 -33.71
C LYS A 76 21.17 -2.80 -35.14
N GLU A 77 20.68 -4.02 -35.29
CA GLU A 77 20.54 -4.64 -36.58
C GLU A 77 20.07 -3.70 -37.67
N ASP A 78 18.76 -3.63 -37.85
CA ASP A 78 18.17 -2.78 -38.87
C ASP A 78 18.84 -1.42 -39.04
N THR A 79 18.61 -0.50 -38.12
CA THR A 79 19.19 0.82 -38.24
C THR A 79 20.72 0.74 -38.26
N GLY A 80 21.37 1.91 -38.15
CA GLY A 80 22.81 1.97 -38.12
C GLY A 80 23.39 0.99 -37.11
N ALA A 81 23.54 1.40 -35.86
CA ALA A 81 24.11 0.48 -34.88
C ALA A 81 24.40 1.06 -33.49
N LYS A 82 25.15 0.25 -32.74
CA LYS A 82 25.66 0.55 -31.39
C LYS A 82 24.74 0.36 -30.20
N VAL A 83 24.85 -0.81 -29.58
CA VAL A 83 24.06 -1.12 -28.41
C VAL A 83 24.92 -1.91 -27.46
N GLU A 84 24.92 -1.50 -26.21
CA GLU A 84 25.71 -2.20 -25.22
C GLU A 84 24.72 -2.85 -24.27
N LEU A 85 24.90 -4.15 -24.00
CA LEU A 85 24.00 -4.83 -23.07
C LEU A 85 24.77 -5.29 -21.85
N LEU A 86 24.13 -5.17 -20.70
CA LEU A 86 24.72 -5.59 -19.45
C LEU A 86 23.88 -6.76 -18.98
N LEU A 87 24.49 -7.93 -18.90
CA LEU A 87 23.77 -9.12 -18.47
C LEU A 87 23.59 -9.23 -16.97
N LEU A 88 22.37 -8.99 -16.51
CA LEU A 88 22.03 -9.03 -15.08
C LEU A 88 21.68 -10.42 -14.60
N LYS A 89 20.59 -11.01 -15.11
CA LYS A 89 20.20 -12.34 -14.67
C LYS A 89 19.42 -13.08 -15.73
N GLN A 90 19.83 -14.32 -15.96
CA GLN A 90 19.15 -15.18 -16.91
C GLN A 90 17.90 -15.74 -16.31
N GLU A 91 16.78 -15.57 -17.00
CA GLU A 91 15.53 -16.10 -16.51
C GLU A 91 15.30 -17.45 -17.19
N THR A 92 14.15 -17.58 -17.83
CA THR A 92 13.79 -18.81 -18.51
C THR A 92 14.46 -18.96 -19.87
N GLY A 93 15.13 -20.10 -20.04
CA GLY A 93 15.80 -20.43 -21.29
C GLY A 93 16.81 -19.46 -21.84
N ASP A 94 16.40 -18.65 -22.81
CA ASP A 94 17.29 -17.69 -23.45
C ASP A 94 16.87 -16.25 -23.20
N LYS A 95 16.08 -16.03 -22.17
CA LYS A 95 15.66 -14.68 -21.84
C LYS A 95 16.52 -14.15 -20.71
N TRP A 96 16.82 -12.86 -20.73
CA TRP A 96 17.65 -12.26 -19.71
C TRP A 96 17.27 -10.88 -19.24
N GLU A 97 17.56 -10.60 -17.98
CA GLU A 97 17.32 -9.30 -17.41
C GLU A 97 18.53 -8.54 -17.90
N THR A 98 18.31 -7.36 -18.47
CA THR A 98 19.40 -6.62 -19.06
C THR A 98 19.32 -5.11 -18.94
N LEU A 99 20.48 -4.47 -18.99
CA LEU A 99 20.52 -3.01 -18.99
C LEU A 99 21.11 -2.72 -20.36
N ALA A 100 20.65 -1.67 -21.03
CA ALA A 100 21.16 -1.35 -22.36
C ALA A 100 21.59 0.09 -22.51
N LYS A 101 22.76 0.30 -23.11
CA LYS A 101 23.27 1.66 -23.35
C LYS A 101 22.37 2.22 -24.41
N PRO A 102 22.45 3.54 -24.71
CA PRO A 102 21.51 3.98 -25.73
C PRO A 102 20.18 3.23 -25.63
N ALA A 103 19.72 3.06 -24.39
CA ALA A 103 18.48 2.34 -24.07
C ALA A 103 17.35 2.69 -25.02
N LYS A 104 17.19 4.00 -25.26
CA LYS A 104 16.15 4.46 -26.16
C LYS A 104 16.12 3.63 -27.46
N ARG A 105 17.30 3.29 -27.98
CA ARG A 105 17.42 2.50 -29.21
C ARG A 105 16.77 1.12 -29.13
N VAL A 106 16.81 0.53 -27.95
CA VAL A 106 16.23 -0.80 -27.81
C VAL A 106 14.77 -0.67 -27.41
N LYS A 107 13.89 -1.16 -28.27
CA LYS A 107 12.47 -1.06 -27.99
C LYS A 107 11.73 -2.33 -28.27
N LYS A 108 10.42 -2.15 -28.38
CA LYS A 108 9.46 -3.21 -28.67
C LYS A 108 10.15 -4.54 -28.73
N GLY A 109 10.47 -4.94 -29.96
CA GLY A 109 11.13 -6.18 -30.26
C GLY A 109 12.32 -5.95 -31.20
N THR A 110 13.07 -4.88 -30.92
CA THR A 110 14.26 -4.52 -31.69
C THR A 110 15.21 -5.73 -31.73
N VAL A 111 16.08 -5.78 -32.73
CA VAL A 111 17.05 -6.85 -32.83
C VAL A 111 18.43 -6.27 -32.85
N VAL A 112 19.31 -6.91 -32.07
CA VAL A 112 20.70 -6.48 -31.98
C VAL A 112 21.60 -7.64 -32.37
N THR A 113 22.64 -7.34 -33.13
CA THR A 113 23.60 -8.36 -33.56
C THR A 113 24.90 -8.22 -32.82
N PHE A 114 25.55 -9.35 -32.59
CA PHE A 114 26.82 -9.36 -31.93
C PHE A 114 27.81 -10.07 -32.82
N GLY A 115 28.94 -9.41 -33.03
CA GLY A 115 29.99 -9.97 -33.85
C GLY A 115 29.62 -10.32 -35.28
N ASP A 116 29.99 -11.54 -35.68
CA ASP A 116 29.74 -12.00 -37.02
C ASP A 116 28.27 -12.41 -37.21
N GLY A 117 27.45 -12.18 -36.20
CA GLY A 117 26.07 -12.57 -36.36
C GLY A 117 25.69 -13.80 -35.56
N ARG A 118 26.65 -14.63 -35.17
CA ARG A 118 26.35 -15.80 -34.34
C ARG A 118 25.76 -15.11 -33.12
N LEU A 119 24.57 -15.49 -32.70
CA LEU A 119 23.97 -14.79 -31.56
C LEU A 119 23.53 -13.36 -31.83
N LYS A 120 22.21 -13.19 -31.80
CA LYS A 120 21.58 -11.89 -31.95
C LYS A 120 20.65 -11.91 -30.76
N ALA A 121 19.77 -10.93 -30.63
CA ALA A 121 18.86 -10.92 -29.49
C ALA A 121 17.75 -9.90 -29.71
N ILE A 122 16.53 -10.29 -29.34
CA ILE A 122 15.39 -9.39 -29.49
C ILE A 122 14.95 -8.89 -28.14
N CYS A 123 14.45 -7.65 -28.13
CA CYS A 123 13.96 -7.03 -26.91
C CYS A 123 12.53 -7.48 -26.69
N THR A 124 12.34 -8.52 -25.89
CA THR A 124 11.00 -9.01 -25.67
C THR A 124 10.19 -8.12 -24.73
N GLU A 125 10.74 -6.99 -24.29
CA GLU A 125 10.01 -6.12 -23.36
C GLU A 125 10.84 -5.07 -22.65
N GLU A 126 10.26 -3.90 -22.41
CA GLU A 126 10.96 -2.84 -21.69
C GLU A 126 10.78 -3.12 -20.19
N LEU A 127 11.75 -2.75 -19.38
CA LEU A 127 11.65 -2.99 -17.94
C LEU A 127 11.56 -1.71 -17.13
N GLU A 128 10.82 -1.80 -16.04
CA GLU A 128 10.58 -0.67 -15.14
C GLU A 128 11.84 0.06 -14.72
N HIS A 129 12.89 -0.66 -14.35
CA HIS A 129 14.12 0.01 -13.92
C HIS A 129 14.90 0.54 -15.12
N GLY A 130 14.23 0.57 -16.27
CA GLY A 130 14.86 1.05 -17.48
C GLY A 130 15.65 0.00 -18.21
N GLY A 131 15.71 -1.20 -17.64
CA GLY A 131 16.44 -2.27 -18.28
C GLY A 131 15.68 -2.77 -19.49
N ARG A 132 15.96 -3.99 -19.91
CA ARG A 132 15.29 -4.54 -21.06
C ARG A 132 15.45 -6.03 -21.07
N LYS A 133 14.35 -6.75 -21.19
CA LYS A 133 14.44 -8.20 -21.24
C LYS A 133 14.75 -8.49 -22.70
N MET A 134 15.76 -9.32 -22.94
CA MET A 134 16.15 -9.62 -24.30
C MET A 134 16.19 -11.12 -24.42
N GLU A 135 16.09 -11.59 -25.65
CA GLU A 135 16.13 -13.02 -25.87
C GLU A 135 17.14 -13.35 -26.96
N PHE A 136 18.07 -14.24 -26.62
CA PHE A 136 19.13 -14.61 -27.54
C PHE A 136 18.80 -15.71 -28.51
N GLN A 137 19.24 -15.52 -29.75
CA GLN A 137 19.04 -16.48 -30.81
C GLN A 137 20.42 -16.95 -31.17
N TYR A 138 20.61 -18.25 -31.35
CA TYR A 138 21.92 -18.75 -31.69
C TYR A 138 21.87 -20.26 -31.89
N ASP A 139 23.01 -20.83 -32.27
CA ASP A 139 23.11 -22.27 -32.47
C ASP A 139 24.22 -22.79 -31.58
N GLY A 140 24.12 -24.05 -31.18
CA GLY A 140 25.14 -24.64 -30.33
C GLY A 140 24.89 -24.30 -28.87
N ILE A 141 25.94 -24.34 -28.06
CA ILE A 141 25.79 -24.04 -26.66
C ILE A 141 26.00 -22.55 -26.37
N PHE A 142 24.95 -21.93 -25.83
CA PHE A 142 25.00 -20.52 -25.51
C PHE A 142 26.30 -20.15 -24.83
N TYR A 143 26.50 -20.66 -23.62
CA TYR A 143 27.70 -20.38 -22.85
C TYR A 143 28.96 -20.54 -23.65
N GLU A 144 28.88 -21.30 -24.74
CA GLU A 144 30.02 -21.50 -25.59
C GLU A 144 30.14 -20.32 -26.51
N VAL A 145 29.04 -20.02 -27.20
CA VAL A 145 29.01 -18.89 -28.14
C VAL A 145 29.60 -17.64 -27.51
N LEU A 146 29.15 -17.32 -26.30
CA LEU A 146 29.65 -16.17 -25.59
C LEU A 146 31.15 -16.28 -25.54
N GLU A 147 31.62 -17.28 -24.79
CA GLU A 147 33.05 -17.54 -24.63
C GLU A 147 33.76 -17.26 -25.95
N SER A 148 33.09 -17.62 -27.04
CA SER A 148 33.58 -17.39 -28.38
C SER A 148 33.81 -15.91 -28.59
N LEU A 149 32.73 -15.15 -28.43
CA LEU A 149 32.77 -13.69 -28.60
C LEU A 149 33.75 -13.09 -27.61
N GLY A 150 34.04 -13.85 -26.56
CA GLY A 150 34.98 -13.43 -25.54
C GLY A 150 36.29 -13.03 -26.19
N GLU A 151 36.80 -13.90 -27.07
CA GLU A 151 38.06 -13.66 -27.78
C GLU A 151 37.88 -12.92 -29.09
N MET A 152 36.69 -12.40 -29.35
CA MET A 152 36.50 -11.71 -30.59
C MET A 152 36.58 -10.18 -30.43
N PRO A 153 37.56 -9.56 -31.08
CA PRO A 153 37.72 -8.11 -30.98
C PRO A 153 36.52 -7.38 -31.54
N LEU A 154 36.31 -6.16 -31.07
CA LEU A 154 35.17 -5.40 -31.54
C LEU A 154 35.38 -4.96 -32.96
N PRO A 155 34.42 -5.25 -33.84
CA PRO A 155 34.55 -4.85 -35.24
C PRO A 155 34.78 -3.34 -35.28
N PRO A 156 35.55 -2.85 -36.26
CA PRO A 156 35.84 -1.40 -36.40
C PRO A 156 34.55 -0.62 -36.31
N TYR A 157 33.62 -1.00 -37.15
CA TYR A 157 32.28 -0.43 -37.23
C TYR A 157 31.85 0.19 -35.89
N ILE A 158 31.95 -0.62 -34.83
CA ILE A 158 31.61 -0.25 -33.45
C ILE A 158 32.83 0.41 -32.82
N LYS A 159 33.92 -0.35 -32.82
CA LYS A 159 35.24 0.01 -32.30
C LYS A 159 35.46 1.50 -32.29
N GLU A 160 35.19 2.12 -33.43
CA GLU A 160 35.34 3.55 -33.64
C GLU A 160 34.39 4.31 -32.73
N GLN A 161 33.13 3.88 -32.74
CA GLN A 161 32.09 4.46 -31.92
C GLN A 161 32.42 4.48 -30.42
N LEU A 162 33.52 3.84 -30.03
CA LEU A 162 33.90 3.77 -28.63
C LEU A 162 35.18 4.51 -28.21
N ASP A 163 35.96 3.85 -27.35
CA ASP A 163 37.18 4.40 -26.80
C ASP A 163 38.18 3.31 -26.30
N ASP A 164 37.74 2.04 -26.31
CA ASP A 164 38.58 0.92 -25.84
C ASP A 164 38.65 -0.33 -26.77
N LYS A 165 38.63 -1.55 -26.20
CA LYS A 165 38.74 -2.81 -26.97
C LYS A 165 37.68 -3.89 -26.68
N GLU A 166 38.13 -5.13 -26.49
CA GLU A 166 37.31 -6.31 -26.17
C GLU A 166 36.17 -6.65 -27.13
N ALA A 179 36.56 -2.34 -9.00
CA ALA A 179 37.17 -1.60 -7.90
C ALA A 179 37.62 -2.55 -6.77
N ALA A 180 36.82 -2.59 -5.71
CA ALA A 180 37.10 -3.44 -4.56
C ALA A 180 35.94 -3.27 -3.57
N ALA A 181 35.18 -4.35 -3.41
CA ALA A 181 34.02 -4.40 -2.52
C ALA A 181 34.25 -3.80 -1.14
N PRO A 182 33.91 -2.51 -0.95
CA PRO A 182 34.11 -1.89 0.37
C PRO A 182 33.26 -2.65 1.40
N THR A 183 32.21 -2.00 1.92
CA THR A 183 31.32 -2.63 2.90
C THR A 183 32.04 -3.11 4.14
N ALA A 184 31.63 -2.62 5.30
CA ALA A 184 32.23 -3.06 6.57
C ALA A 184 32.17 -4.61 6.65
N GLY A 185 31.57 -5.22 5.63
CA GLY A 185 31.43 -6.66 5.59
C GLY A 185 32.67 -7.44 5.24
N LEU A 186 33.82 -6.89 5.59
CA LEU A 186 35.07 -7.57 5.30
C LEU A 186 35.67 -8.21 6.54
N HIS A 187 35.30 -7.69 7.72
CA HIS A 187 35.79 -8.23 8.99
C HIS A 187 35.32 -9.68 9.10
N PHE A 188 34.80 -10.26 8.03
CA PHE A 188 34.29 -11.62 8.08
C PHE A 188 35.18 -12.77 7.69
N THR A 189 36.05 -13.15 8.63
CA THR A 189 36.98 -14.25 8.44
C THR A 189 36.19 -15.46 7.98
N GLU A 190 36.65 -16.09 6.92
CA GLU A 190 35.99 -17.27 6.40
C GLU A 190 35.59 -18.15 7.59
N GLU A 191 36.41 -18.09 8.64
CA GLU A 191 36.17 -18.89 9.83
C GLU A 191 34.90 -18.48 10.55
N ILE A 192 34.80 -17.19 10.89
CA ILE A 192 33.64 -16.69 11.58
C ILE A 192 32.41 -17.10 10.78
N LEU A 193 32.50 -16.96 9.45
CA LEU A 193 31.40 -17.34 8.56
C LEU A 193 30.95 -18.75 8.90
N GLN A 194 31.93 -19.60 9.18
CA GLN A 194 31.65 -20.99 9.52
C GLN A 194 31.03 -21.08 10.90
N GLN A 195 31.67 -20.46 11.88
CA GLN A 195 31.17 -20.44 13.25
C GLN A 195 29.67 -20.15 13.24
N LEU A 196 29.32 -18.99 12.70
CA LEU A 196 27.94 -18.53 12.59
C LEU A 196 27.04 -19.61 11.99
N LYS A 197 27.56 -20.27 10.96
CA LYS A 197 26.79 -21.32 10.32
C LYS A 197 26.59 -22.36 11.39
N ASP A 198 27.70 -22.89 11.89
CA ASP A 198 27.68 -23.92 12.92
C ASP A 198 26.70 -23.56 14.04
N LYS A 199 26.85 -22.38 14.61
CA LYS A 199 25.98 -21.93 15.69
C LYS A 199 24.50 -21.98 15.33
N GLY A 200 24.17 -21.65 14.08
CA GLY A 200 22.78 -21.68 13.67
C GLY A 200 22.27 -20.33 13.20
N VAL A 201 23.19 -19.54 12.65
CA VAL A 201 22.86 -18.22 12.14
C VAL A 201 23.01 -18.31 10.64
N GLN A 202 21.92 -18.10 9.90
CA GLN A 202 21.99 -18.19 8.46
C GLN A 202 22.72 -17.02 7.83
N ILE A 203 23.11 -17.22 6.58
CA ILE A 203 23.84 -16.22 5.88
C ILE A 203 23.26 -16.07 4.49
N GLU A 204 22.74 -14.88 4.23
CA GLU A 204 22.15 -14.60 2.94
C GLU A 204 22.96 -13.53 2.24
N PHE A 205 22.88 -13.56 0.90
CA PHE A 205 23.59 -12.58 0.09
C PHE A 205 22.68 -11.77 -0.77
N ILE A 206 23.08 -10.53 -0.96
CA ILE A 206 22.36 -9.59 -1.78
C ILE A 206 23.39 -9.18 -2.81
N THR A 207 22.97 -8.55 -3.90
CA THR A 207 23.95 -8.14 -4.91
C THR A 207 23.81 -6.69 -5.25
N LEU A 208 24.91 -5.96 -5.21
CA LEU A 208 24.83 -4.55 -5.56
C LEU A 208 25.92 -4.14 -6.56
N HIS A 209 25.53 -3.34 -7.56
CA HIS A 209 26.45 -2.88 -8.58
C HIS A 209 26.57 -1.38 -8.60
N VAL A 210 27.76 -0.89 -8.89
CA VAL A 210 28.02 0.54 -8.86
C VAL A 210 28.09 1.40 -10.14
N GLY A 211 29.12 1.22 -10.97
CA GLY A 211 29.25 2.05 -12.16
C GLY A 211 28.09 2.07 -13.15
N LEU A 212 27.13 1.18 -12.93
CA LEU A 212 26.00 1.04 -13.83
C LEU A 212 25.12 2.25 -14.12
N GLY A 213 25.15 3.24 -13.23
CA GLY A 213 24.32 4.44 -13.40
C GLY A 213 24.14 4.95 -14.82
N THR A 214 25.24 4.96 -15.56
CA THR A 214 25.27 5.44 -16.94
C THR A 214 24.35 4.67 -17.88
N PHE A 215 23.65 3.66 -17.39
CA PHE A 215 22.74 2.88 -18.21
C PHE A 215 21.26 3.28 -18.19
N ARG A 216 20.93 4.28 -17.37
CA ARG A 216 19.56 4.77 -17.26
C ARG A 216 19.10 5.57 -18.48
N MET A 228 20.70 8.85 -11.63
CA MET A 228 22.01 8.90 -12.28
C MET A 228 22.98 7.92 -11.59
N HIS A 229 23.89 8.45 -10.76
CA HIS A 229 24.85 7.61 -10.05
C HIS A 229 24.23 6.90 -8.86
N ALA A 230 23.30 6.00 -9.15
CA ALA A 230 22.64 5.22 -8.11
C ALA A 230 23.18 3.80 -8.20
N GLU A 231 23.00 3.01 -7.16
CA GLU A 231 23.47 1.64 -7.20
C GLU A 231 22.33 0.76 -7.71
N PHE A 232 22.70 -0.40 -8.24
CA PHE A 232 21.72 -1.33 -8.76
C PHE A 232 21.75 -2.55 -7.88
N TYR A 233 20.61 -2.92 -7.31
CA TYR A 233 20.57 -4.06 -6.42
C TYR A 233 19.80 -5.17 -7.06
N GLN A 234 19.93 -6.35 -6.48
CA GLN A 234 19.26 -7.54 -6.96
C GLN A 234 19.09 -8.49 -5.81
N MET A 235 17.86 -8.91 -5.52
CA MET A 235 17.60 -9.87 -4.47
C MET A 235 16.95 -11.04 -5.15
N SER A 236 17.36 -12.25 -4.78
CA SER A 236 16.81 -13.42 -5.40
C SER A 236 15.56 -13.96 -4.71
N GLU A 237 14.85 -14.80 -5.44
CA GLU A 237 13.63 -15.44 -4.99
C GLU A 237 13.93 -16.17 -3.69
N GLU A 238 14.98 -16.98 -3.71
CA GLU A 238 15.39 -17.78 -2.57
C GLU A 238 15.79 -16.89 -1.43
N THR A 239 16.66 -15.92 -1.73
CA THR A 239 17.09 -15.01 -0.70
C THR A 239 15.88 -14.35 -0.05
N ALA A 240 14.99 -13.79 -0.87
CA ALA A 240 13.79 -13.15 -0.33
C ALA A 240 13.08 -14.16 0.55
N ALA A 241 12.78 -15.31 -0.05
CA ALA A 241 12.10 -16.38 0.66
C ALA A 241 12.72 -16.62 2.04
N ALA A 242 14.03 -16.82 2.03
CA ALA A 242 14.79 -17.10 3.24
C ALA A 242 14.59 -16.07 4.34
N LEU A 243 14.70 -14.80 3.98
CA LEU A 243 14.55 -13.72 4.95
C LEU A 243 13.16 -13.67 5.52
N ASN A 244 12.16 -14.02 4.71
CA ASN A 244 10.78 -13.99 5.20
C ASN A 244 10.60 -15.06 6.28
N LYS A 245 11.14 -16.25 6.03
CA LYS A 245 11.06 -17.33 7.03
C LYS A 245 11.57 -16.76 8.35
N VAL A 246 12.80 -16.28 8.32
CA VAL A 246 13.44 -15.72 9.49
C VAL A 246 12.55 -14.72 10.21
N ARG A 247 11.87 -13.87 9.44
CA ARG A 247 11.00 -12.88 10.03
C ARG A 247 9.83 -13.59 10.68
N GLU A 248 9.29 -14.58 9.96
CA GLU A 248 8.18 -15.39 10.45
C GLU A 248 8.56 -16.06 11.76
N ASN A 249 9.54 -16.95 11.67
CA ASN A 249 10.02 -17.69 12.81
C ASN A 249 10.57 -16.82 13.93
N GLY A 250 10.35 -15.51 13.82
CA GLY A 250 10.82 -14.61 14.85
C GLY A 250 12.32 -14.60 15.06
N GLY A 251 13.08 -14.57 13.97
CA GLY A 251 14.53 -14.50 14.10
C GLY A 251 14.90 -13.05 13.85
N ARG A 252 16.19 -12.71 13.90
CA ARG A 252 16.61 -11.33 13.64
C ARG A 252 17.42 -11.22 12.35
N ILE A 253 17.24 -10.09 11.69
CA ILE A 253 17.94 -9.82 10.45
C ILE A 253 18.93 -8.71 10.70
N ILE A 254 20.19 -9.01 10.38
CA ILE A 254 21.23 -8.02 10.54
C ILE A 254 21.96 -7.86 9.22
N SER A 255 22.02 -6.60 8.78
CA SER A 255 22.70 -6.31 7.55
C SER A 255 24.17 -5.99 7.82
N VAL A 256 25.02 -6.62 7.01
CA VAL A 256 26.46 -6.43 7.08
C VAL A 256 26.74 -5.59 5.85
N GLY A 257 26.46 -4.31 5.96
CA GLY A 257 26.65 -3.47 4.82
C GLY A 257 26.53 -2.01 5.16
N THR A 258 27.68 -1.35 5.13
CA THR A 258 27.77 0.07 5.40
C THR A 258 26.68 0.64 4.45
N THR A 259 26.39 -0.12 3.39
CA THR A 259 25.41 0.21 2.35
C THR A 259 24.17 -0.72 2.26
N SER A 260 24.39 -2.00 1.95
CA SER A 260 23.32 -3.00 1.78
C SER A 260 22.08 -2.85 2.68
N THR A 261 22.28 -2.23 3.82
CA THR A 261 21.18 -2.01 4.72
C THR A 261 20.08 -1.24 3.97
N ARG A 262 20.50 -0.37 3.05
CA ARG A 262 19.57 0.43 2.27
C ARG A 262 18.84 -0.39 1.22
N THR A 263 19.54 -1.35 0.64
CA THR A 263 18.91 -2.21 -0.32
C THR A 263 17.74 -2.87 0.40
N LEU A 264 18.07 -3.62 1.44
CA LEU A 264 17.07 -4.31 2.22
C LEU A 264 15.92 -3.39 2.56
N GLU A 265 16.25 -2.32 3.25
CA GLU A 265 15.29 -1.35 3.65
C GLU A 265 14.46 -0.96 2.41
N THR A 266 15.12 -0.63 1.31
CA THR A 266 14.38 -0.26 0.10
C THR A 266 13.37 -1.33 -0.30
N ILE A 267 13.84 -2.57 -0.43
CA ILE A 267 12.99 -3.67 -0.80
C ILE A 267 11.77 -3.82 0.10
N ALA A 268 11.99 -4.19 1.35
CA ALA A 268 10.89 -4.36 2.28
C ALA A 268 10.06 -3.09 2.37
N GLY A 269 10.63 -1.98 1.94
CA GLY A 269 9.88 -0.75 2.00
C GLY A 269 8.73 -0.80 1.00
N GLU A 270 8.99 -1.34 -0.17
CA GLU A 270 8.00 -1.40 -1.23
C GLU A 270 7.17 -2.66 -1.21
N HIS A 271 7.10 -3.32 -0.07
CA HIS A 271 6.30 -4.53 0.01
C HIS A 271 5.81 -4.70 1.41
N ASP A 272 5.94 -3.64 2.19
CA ASP A 272 5.51 -3.68 3.57
C ASP A 272 6.23 -4.80 4.33
N GLY A 273 7.39 -4.46 4.89
CA GLY A 273 8.18 -5.40 5.68
C GLY A 273 8.44 -6.77 5.11
N GLN A 274 7.91 -7.03 3.92
CA GLN A 274 8.09 -8.33 3.31
C GLN A 274 9.12 -8.24 2.19
N PHE A 275 9.86 -9.34 1.96
CA PHE A 275 10.88 -9.37 0.92
C PHE A 275 10.39 -10.14 -0.28
N LYS A 276 10.78 -9.68 -1.47
CA LYS A 276 10.40 -10.30 -2.73
C LYS A 276 11.61 -10.26 -3.64
N ALA A 277 11.74 -11.20 -4.55
CA ALA A 277 12.87 -11.15 -5.46
C ALA A 277 12.70 -9.82 -6.17
N SER A 278 13.79 -9.21 -6.59
CA SER A 278 13.68 -7.94 -7.27
C SER A 278 15.03 -7.33 -7.57
N SER A 279 15.03 -6.27 -8.36
CA SER A 279 16.24 -5.60 -8.73
C SER A 279 15.86 -4.19 -9.13
N GLY A 280 16.79 -3.28 -9.01
CA GLY A 280 16.46 -1.93 -9.37
C GLY A 280 17.48 -1.01 -8.81
N TRP A 281 17.19 0.28 -8.95
CA TRP A 281 18.05 1.33 -8.48
C TRP A 281 17.70 1.74 -7.08
N THR A 282 18.72 1.82 -6.23
CA THR A 282 18.49 2.22 -4.87
C THR A 282 19.00 3.63 -4.65
N SER A 283 18.14 4.48 -4.11
CA SER A 283 18.51 5.85 -3.83
C SER A 283 18.00 6.29 -2.47
N ILE A 284 17.39 5.37 -1.73
CA ILE A 284 16.84 5.73 -0.43
C ILE A 284 17.87 6.47 0.38
N PHE A 285 17.37 7.44 1.15
CA PHE A 285 18.21 8.27 2.01
C PHE A 285 17.57 8.18 3.38
N ILE A 286 18.15 7.35 4.25
CA ILE A 286 17.64 7.15 5.60
C ILE A 286 18.16 8.24 6.54
N TYR A 287 17.28 8.70 7.42
CA TYR A 287 17.58 9.78 8.35
C TYR A 287 16.63 9.66 9.56
N PRO A 288 17.12 10.04 10.75
CA PRO A 288 16.34 9.97 11.99
C PRO A 288 14.88 10.15 11.69
N GLY A 289 14.05 9.28 12.28
CA GLY A 289 12.62 9.37 12.05
C GLY A 289 12.18 8.21 11.19
N TYR A 290 13.01 7.86 10.21
CA TYR A 290 12.69 6.76 9.32
C TYR A 290 12.44 5.50 10.13
N GLU A 291 11.38 4.77 9.81
CA GLU A 291 11.10 3.55 10.53
C GLU A 291 11.60 2.34 9.75
N PHE A 292 12.65 1.70 10.26
CA PHE A 292 13.20 0.52 9.61
C PHE A 292 12.18 -0.57 9.54
N LYS A 293 12.12 -1.25 8.41
CA LYS A 293 11.17 -2.32 8.22
C LYS A 293 11.89 -3.53 7.72
N ALA A 294 13.21 -3.44 7.56
CA ALA A 294 13.97 -4.56 7.06
C ALA A 294 14.88 -5.18 8.10
N ILE A 295 15.79 -4.38 8.62
CA ILE A 295 16.75 -4.89 9.60
C ILE A 295 16.37 -4.70 11.08
N ASP A 296 16.97 -5.52 11.94
CA ASP A 296 16.74 -5.44 13.38
C ASP A 296 17.99 -4.83 14.01
N GLY A 297 19.09 -5.00 13.28
CA GLY A 297 20.37 -4.47 13.70
C GLY A 297 21.23 -4.50 12.46
N MET A 298 22.32 -3.73 12.47
CA MET A 298 23.23 -3.70 11.33
C MET A 298 24.67 -3.69 11.82
N ILE A 299 25.60 -3.95 10.91
CA ILE A 299 27.03 -3.96 11.23
C ILE A 299 27.84 -3.07 10.27
N THR A 300 28.23 -1.90 10.74
CA THR A 300 29.04 -1.03 9.90
C THR A 300 30.16 -0.34 10.70
N ASN A 301 30.55 0.86 10.28
CA ASN A 301 31.62 1.58 10.96
C ASN A 301 31.11 2.87 11.58
N PHE A 302 32.03 3.64 12.16
CA PHE A 302 31.72 4.92 12.78
C PHE A 302 31.95 5.89 11.65
N HIS A 303 31.20 6.98 11.60
CA HIS A 303 31.37 7.89 10.48
C HIS A 303 31.65 9.35 10.84
N LEU A 304 31.90 10.18 9.81
CA LEU A 304 32.23 11.60 10.00
C LEU A 304 31.18 12.50 10.66
N PRO A 305 31.66 13.49 11.46
CA PRO A 305 30.81 14.44 12.18
C PRO A 305 29.93 15.28 11.26
N LYS A 306 29.02 14.66 10.52
CA LYS A 306 28.08 15.33 9.61
C LYS A 306 27.82 14.72 8.19
N SER A 307 28.64 13.78 7.64
CA SER A 307 28.37 13.05 6.45
C SER A 307 26.90 12.62 6.59
N SER A 308 26.41 11.84 5.69
CA SER A 308 25.07 11.43 5.67
C SER A 308 24.96 10.03 6.21
N LEU A 309 26.04 9.47 6.73
CA LEU A 309 25.93 8.12 7.27
C LEU A 309 25.48 8.16 8.72
N ILE A 310 26.00 9.12 9.49
CA ILE A 310 25.63 9.26 10.91
C ILE A 310 24.13 9.35 11.12
N MET A 311 23.47 10.05 10.19
CA MET A 311 22.00 10.25 10.20
C MET A 311 21.34 8.88 10.01
N LEU A 312 21.91 8.10 9.09
CA LEU A 312 21.40 6.77 8.81
C LEU A 312 21.38 6.10 10.16
N VAL A 313 22.59 5.81 10.64
CA VAL A 313 22.78 5.16 11.92
C VAL A 313 21.89 5.79 12.98
N SER A 314 21.97 7.11 13.10
CA SER A 314 21.17 7.85 14.06
C SER A 314 19.69 7.47 14.03
N ALA A 315 19.15 7.25 12.83
CA ALA A 315 17.75 6.89 12.72
C ALA A 315 17.55 5.50 13.32
N LEU A 316 18.61 4.70 13.32
CA LEU A 316 18.51 3.36 13.85
C LEU A 316 18.44 3.29 15.38
N ALA A 317 19.37 3.93 16.07
CA ALA A 317 19.39 3.90 17.53
C ALA A 317 19.07 5.21 18.23
N GLY A 318 18.72 6.24 17.47
CA GLY A 318 18.44 7.54 18.06
C GLY A 318 19.67 8.42 17.90
N ARG A 319 19.47 9.70 17.61
CA ARG A 319 20.60 10.62 17.41
C ARG A 319 21.48 10.78 18.65
N GLU A 320 20.84 10.80 19.81
CA GLU A 320 21.56 10.96 21.08
C GLU A 320 22.47 9.76 21.35
N ASN A 321 21.87 8.63 21.67
CA ASN A 321 22.59 7.40 21.96
C ASN A 321 23.81 7.27 21.06
N ILE A 322 23.58 7.29 19.75
CA ILE A 322 24.66 7.16 18.79
C ILE A 322 25.72 8.23 19.09
N LEU A 323 25.28 9.47 19.25
CA LEU A 323 26.19 10.57 19.53
C LEU A 323 27.16 10.32 20.69
N ARG A 324 26.59 10.08 21.87
CA ARG A 324 27.38 9.82 23.07
C ARG A 324 28.33 8.65 22.83
N ALA A 325 27.87 7.67 22.06
CA ALA A 325 28.67 6.50 21.72
C ALA A 325 29.82 6.98 20.85
N TYR A 326 29.54 7.96 20.01
CA TYR A 326 30.58 8.49 19.15
C TYR A 326 31.58 9.22 19.99
N ASN A 327 31.09 9.82 21.06
CA ASN A 327 31.93 10.57 22.00
C ASN A 327 32.79 9.65 22.87
N HIS A 328 32.24 8.50 23.24
CA HIS A 328 32.95 7.52 24.05
C HIS A 328 33.89 6.69 23.14
N ALA A 329 33.57 6.63 21.85
CA ALA A 329 34.37 5.87 20.90
C ALA A 329 35.68 6.64 20.74
N VAL A 330 35.53 7.95 20.64
CA VAL A 330 36.65 8.87 20.49
C VAL A 330 37.47 8.82 21.78
N GLU A 331 36.74 8.84 22.90
CA GLU A 331 37.31 8.78 24.24
C GLU A 331 38.26 7.58 24.31
N GLU A 332 37.72 6.37 24.20
CA GLU A 332 38.52 5.15 24.23
C GLU A 332 39.32 5.01 22.93
N GLU A 333 39.66 6.16 22.33
CA GLU A 333 40.40 6.22 21.09
C GLU A 333 40.15 5.03 20.18
N TYR A 334 38.94 4.99 19.62
CA TYR A 334 38.51 3.96 18.69
C TYR A 334 38.92 4.49 17.33
N ARG A 335 39.22 3.61 16.40
CA ARG A 335 39.59 4.05 15.04
C ARG A 335 38.29 4.26 14.23
N PHE A 336 38.08 5.47 13.71
CA PHE A 336 36.87 5.78 12.96
C PHE A 336 36.98 5.59 11.44
N PHE A 337 35.82 5.42 10.80
CA PHE A 337 35.68 5.31 9.35
C PHE A 337 35.86 4.00 8.58
N SER A 338 36.48 4.15 7.41
CA SER A 338 36.75 3.12 6.40
C SER A 338 37.43 1.84 6.78
N PHE A 339 38.38 1.92 7.70
CA PHE A 339 39.10 0.73 8.08
C PHE A 339 39.15 0.59 9.57
N GLY A 340 38.68 1.63 10.25
CA GLY A 340 38.66 1.60 11.70
C GLY A 340 37.91 0.40 12.26
N ASP A 341 37.38 0.60 13.47
CA ASP A 341 36.65 -0.43 14.19
C ASP A 341 35.19 -0.59 13.72
N ALA A 342 34.63 -1.76 14.00
CA ALA A 342 33.25 -2.09 13.62
C ALA A 342 32.23 -1.79 14.71
N MET A 343 30.99 -1.49 14.31
CA MET A 343 29.92 -1.19 15.25
C MET A 343 28.77 -2.17 15.01
N LEU A 344 27.87 -2.30 15.99
CA LEU A 344 26.74 -3.23 15.86
C LEU A 344 25.53 -2.82 16.70
N ILE A 345 24.33 -3.28 16.32
CA ILE A 345 23.12 -2.89 17.06
C ILE A 345 22.17 -4.01 17.60
N ASP B 8 -24.13 -26.92 1.96
CA ASP B 8 -23.50 -25.57 2.15
C ASP B 8 -23.08 -25.31 3.60
N LEU B 9 -22.18 -24.34 3.81
CA LEU B 9 -21.66 -24.03 5.15
C LEU B 9 -22.36 -22.87 5.88
N PHE B 10 -23.17 -22.14 5.14
CA PHE B 10 -23.90 -20.99 5.69
C PHE B 10 -25.39 -21.25 5.50
N ASP B 11 -25.81 -22.43 5.92
CA ASP B 11 -27.20 -22.87 5.83
C ASP B 11 -27.67 -23.41 7.19
N PHE B 12 -28.99 -23.33 7.42
CA PHE B 12 -29.60 -23.82 8.66
C PHE B 12 -31.13 -23.82 8.53
N GLU B 13 -31.83 -24.22 9.60
CA GLU B 13 -33.30 -24.25 9.57
C GLU B 13 -33.91 -22.87 9.90
N LEU B 14 -34.64 -22.33 8.94
CA LEU B 14 -35.27 -21.04 9.12
C LEU B 14 -36.71 -21.08 8.67
N PRO B 15 -37.64 -21.33 9.61
CA PRO B 15 -39.10 -21.42 9.41
C PRO B 15 -39.69 -20.15 8.80
N GLU B 16 -40.21 -20.25 7.57
CA GLU B 16 -40.78 -19.10 6.86
C GLU B 16 -41.66 -18.25 7.79
N ARG B 17 -42.11 -18.86 8.88
CA ARG B 17 -42.94 -18.15 9.86
C ARG B 17 -42.05 -17.27 10.74
N LEU B 18 -40.97 -17.84 11.29
CA LEU B 18 -40.04 -17.06 12.11
C LEU B 18 -39.52 -15.86 11.31
N ILE B 19 -39.88 -15.80 10.04
CA ILE B 19 -39.48 -14.68 9.19
C ILE B 19 -40.62 -13.67 9.29
N ALA B 20 -40.34 -12.58 10.02
CA ALA B 20 -41.30 -11.50 10.25
C ALA B 20 -41.90 -11.00 8.94
N GLN B 21 -43.20 -11.27 8.78
CA GLN B 21 -43.92 -10.85 7.58
C GLN B 21 -43.81 -9.33 7.45
N VAL B 22 -44.21 -8.63 8.51
CA VAL B 22 -44.16 -7.17 8.59
C VAL B 22 -43.41 -6.83 9.90
N PRO B 23 -43.07 -5.54 10.10
CA PRO B 23 -42.36 -5.13 11.33
C PRO B 23 -43.22 -4.80 12.55
N LEU B 24 -42.65 -5.00 13.74
CA LEU B 24 -43.31 -4.66 14.99
C LEU B 24 -42.83 -3.23 15.26
N GLU B 25 -42.82 -2.44 14.19
CA GLU B 25 -42.36 -1.04 14.22
C GLU B 25 -43.01 -0.16 15.28
N GLN B 26 -43.90 -0.75 16.08
CA GLN B 26 -44.54 0.00 17.13
C GLN B 26 -43.42 0.62 17.97
N ARG B 27 -42.47 -0.20 18.40
CA ARG B 27 -41.36 0.28 19.21
C ARG B 27 -40.14 -0.63 19.34
N ASP B 28 -39.25 -0.23 20.27
CA ASP B 28 -38.00 -0.92 20.57
C ASP B 28 -38.17 -2.40 20.88
N ALA B 29 -39.43 -2.83 20.95
CA ALA B 29 -39.74 -4.23 21.22
C ALA B 29 -38.65 -5.04 20.54
N SER B 30 -38.78 -5.22 19.23
CA SER B 30 -37.81 -5.95 18.44
C SER B 30 -36.65 -6.40 19.30
N ARG B 31 -36.68 -7.66 19.73
CA ARG B 31 -35.61 -8.19 20.56
C ARG B 31 -34.23 -7.79 20.03
N LEU B 32 -33.19 -8.20 20.76
CA LEU B 32 -31.84 -7.86 20.37
C LEU B 32 -30.82 -8.94 20.75
N MET B 33 -30.58 -9.86 19.83
CA MET B 33 -29.59 -10.90 20.08
C MET B 33 -28.22 -10.24 20.18
N VAL B 34 -27.55 -10.40 21.31
CA VAL B 34 -26.22 -9.83 21.50
C VAL B 34 -25.17 -10.92 21.50
N LEU B 35 -24.28 -10.88 20.51
CA LEU B 35 -23.22 -11.87 20.38
C LEU B 35 -21.84 -11.28 20.58
N ASP B 36 -21.05 -11.91 21.45
CA ASP B 36 -19.69 -11.47 21.71
C ASP B 36 -18.75 -11.92 20.61
N LYS B 37 -18.36 -10.98 19.78
CA LYS B 37 -17.46 -11.24 18.67
C LYS B 37 -16.48 -12.34 19.00
N HIS B 38 -15.58 -12.09 19.95
CA HIS B 38 -14.57 -13.08 20.34
C HIS B 38 -15.09 -14.34 21.01
N THR B 39 -15.59 -14.20 22.25
CA THR B 39 -16.08 -15.35 23.00
C THR B 39 -17.17 -16.18 22.31
N GLY B 40 -18.05 -15.51 21.59
CA GLY B 40 -19.10 -16.26 20.92
C GLY B 40 -20.31 -16.42 21.81
N GLU B 41 -20.23 -15.90 23.03
CA GLU B 41 -21.35 -15.96 23.96
C GLU B 41 -22.54 -15.43 23.17
N LEU B 42 -23.76 -15.66 23.62
CA LEU B 42 -24.91 -15.21 22.83
C LEU B 42 -26.18 -14.84 23.60
N THR B 43 -26.06 -13.90 24.55
CA THR B 43 -27.21 -13.45 25.36
C THR B 43 -28.38 -12.90 24.50
N ASP B 44 -29.46 -12.48 25.16
CA ASP B 44 -30.63 -11.93 24.46
C ASP B 44 -30.91 -10.55 24.98
N SER B 45 -32.13 -10.07 24.71
CA SER B 45 -32.57 -8.75 25.17
C SER B 45 -33.59 -8.07 24.24
N SER B 46 -33.73 -6.76 24.41
CA SER B 46 -34.66 -5.96 23.64
C SER B 46 -33.97 -4.64 23.31
N PHE B 47 -34.43 -3.96 22.27
CA PHE B 47 -33.79 -2.71 21.83
C PHE B 47 -33.93 -1.44 22.69
N LYS B 48 -34.42 -1.57 23.92
CA LYS B 48 -34.55 -0.39 24.75
C LYS B 48 -33.25 -0.23 25.51
N HIS B 49 -32.80 -1.33 26.09
CA HIS B 49 -31.59 -1.39 26.89
C HIS B 49 -30.35 -1.13 26.05
N ILE B 50 -30.55 -1.10 24.73
CA ILE B 50 -29.48 -0.87 23.77
C ILE B 50 -28.34 -0.02 24.32
N ILE B 51 -28.66 1.23 24.61
CA ILE B 51 -27.73 2.21 25.15
C ILE B 51 -26.88 1.71 26.31
N SER B 52 -27.30 0.62 26.93
CA SER B 52 -26.57 0.05 28.06
C SER B 52 -25.34 -0.71 27.59
N PHE B 53 -25.07 -0.72 26.29
CA PHE B 53 -23.92 -1.45 25.77
C PHE B 53 -22.88 -0.53 25.19
N PHE B 54 -23.18 0.76 25.15
CA PHE B 54 -22.24 1.72 24.60
C PHE B 54 -21.63 2.56 25.70
N ASN B 55 -20.30 2.67 25.67
CA ASN B 55 -19.59 3.43 26.66
C ASN B 55 -19.44 4.84 26.09
N GLU B 56 -18.70 5.69 26.78
CA GLU B 56 -18.52 7.04 26.26
C GLU B 56 -17.46 6.88 25.21
N GLY B 57 -17.21 7.93 24.45
CA GLY B 57 -16.19 7.83 23.43
C GLY B 57 -16.44 6.78 22.39
N ASP B 58 -17.68 6.35 22.27
CA ASP B 58 -18.03 5.38 21.25
C ASP B 58 -18.77 6.19 20.18
N CYS B 59 -18.68 5.74 18.93
CA CYS B 59 -19.35 6.43 17.84
C CYS B 59 -20.20 5.44 17.07
N LEU B 60 -21.35 5.92 16.60
CA LEU B 60 -22.24 5.11 15.79
C LEU B 60 -22.30 5.73 14.42
N VAL B 61 -22.04 4.93 13.40
CA VAL B 61 -22.09 5.46 12.06
C VAL B 61 -23.44 5.05 11.49
N LEU B 62 -24.21 6.05 11.09
CA LEU B 62 -25.53 5.84 10.56
C LEU B 62 -25.58 6.06 9.06
N ASN B 63 -26.07 5.05 8.37
CA ASN B 63 -26.17 5.06 6.92
C ASN B 63 -27.16 6.09 6.38
N ASN B 64 -27.44 7.13 7.16
CA ASN B 64 -28.37 8.17 6.72
C ASN B 64 -28.40 8.35 5.19
N THR B 65 -29.61 8.42 4.63
CA THR B 65 -29.77 8.58 3.18
C THR B 65 -30.58 9.83 2.86
N ARG B 66 -30.44 10.31 1.63
CA ARG B 66 -31.12 11.53 1.17
C ARG B 66 -31.40 11.46 -0.34
N VAL B 67 -32.67 11.56 -0.73
CA VAL B 67 -33.04 11.53 -2.15
C VAL B 67 -32.38 12.74 -2.85
N LEU B 68 -31.46 13.36 -2.11
CA LEU B 68 -30.71 14.54 -2.53
C LEU B 68 -29.98 14.52 -3.89
N PRO B 69 -29.76 13.34 -4.51
CA PRO B 69 -29.07 13.53 -5.78
C PRO B 69 -29.97 14.38 -6.67
N ALA B 70 -29.74 15.68 -6.66
CA ALA B 70 -30.51 16.58 -7.48
C ALA B 70 -29.92 16.35 -8.85
N ARG B 71 -30.74 16.48 -9.89
CA ARG B 71 -30.15 16.29 -11.19
C ARG B 71 -30.53 17.38 -12.17
N LEU B 72 -29.56 17.80 -12.96
CA LEU B 72 -29.76 18.81 -13.96
C LEU B 72 -29.76 18.14 -15.32
N PHE B 73 -30.71 18.53 -16.18
CA PHE B 73 -30.77 18.00 -17.53
C PHE B 73 -30.33 19.09 -18.48
N GLY B 74 -29.10 19.00 -18.94
CA GLY B 74 -28.61 20.02 -19.82
C GLY B 74 -28.36 19.41 -21.16
N THR B 75 -27.67 20.13 -22.00
CA THR B 75 -27.38 19.65 -23.33
C THR B 75 -25.95 20.07 -23.66
N LYS B 76 -25.19 19.17 -24.28
CA LYS B 76 -23.81 19.49 -24.65
C LYS B 76 -23.83 20.68 -25.59
N GLU B 77 -23.35 21.81 -25.08
CA GLU B 77 -23.32 23.05 -25.85
C GLU B 77 -22.93 22.86 -27.30
N ASP B 78 -21.63 22.94 -27.57
CA ASP B 78 -21.13 22.80 -28.92
C ASP B 78 -21.82 21.73 -29.75
N THR B 79 -21.50 20.47 -29.49
CA THR B 79 -22.11 19.39 -30.27
C THR B 79 -23.63 19.40 -30.14
N GLY B 80 -24.25 18.33 -30.62
CA GLY B 80 -25.69 18.21 -30.53
C GLY B 80 -26.18 18.47 -29.13
N ALA B 81 -26.25 17.45 -28.28
CA ALA B 81 -26.74 17.66 -26.94
C ALA B 81 -26.93 16.42 -26.06
N LYS B 82 -27.60 16.65 -24.95
CA LYS B 82 -27.99 15.66 -23.94
C LYS B 82 -26.99 15.21 -22.89
N VAL B 83 -27.04 15.87 -21.74
CA VAL B 83 -26.16 15.53 -20.65
C VAL B 83 -26.94 15.64 -19.35
N GLU B 84 -26.84 14.62 -18.53
CA GLU B 84 -27.54 14.65 -17.27
C GLU B 84 -26.47 14.72 -16.18
N LEU B 85 -26.63 15.65 -15.24
CA LEU B 85 -25.67 15.77 -14.15
C LEU B 85 -26.31 15.46 -12.83
N LEU B 86 -25.58 14.76 -12.00
CA LEU B 86 -26.06 14.41 -10.67
C LEU B 86 -25.18 15.17 -9.69
N LEU B 87 -25.78 16.08 -8.95
CA LEU B 87 -25.05 16.90 -8.00
C LEU B 87 -24.74 16.19 -6.69
N LEU B 88 -23.48 15.79 -6.53
CA LEU B 88 -23.01 15.09 -5.33
C LEU B 88 -22.62 16.00 -4.18
N LYS B 89 -21.58 16.80 -4.39
CA LYS B 89 -21.15 17.71 -3.34
C LYS B 89 -20.46 18.94 -3.86
N GLN B 90 -20.87 20.08 -3.34
CA GLN B 90 -20.29 21.35 -3.74
C GLN B 90 -18.99 21.56 -3.02
N GLU B 91 -17.94 21.82 -3.77
CA GLU B 91 -16.65 22.06 -3.16
C GLU B 91 -16.48 23.57 -3.02
N THR B 92 -15.39 24.07 -3.57
CA THR B 92 -15.08 25.49 -3.49
C THR B 92 -15.85 26.33 -4.51
N GLY B 93 -16.54 27.34 -3.99
CA GLY B 93 -17.30 28.26 -4.81
C GLY B 93 -18.36 27.71 -5.73
N ASP B 94 -18.02 27.58 -7.01
CA ASP B 94 -18.96 27.06 -8.01
C ASP B 94 -18.53 25.73 -8.61
N LYS B 95 -17.65 25.02 -7.92
CA LYS B 95 -17.21 23.74 -8.40
C LYS B 95 -17.98 22.64 -7.67
N TRP B 96 -18.30 21.56 -8.38
CA TRP B 96 -19.04 20.47 -7.77
C TRP B 96 -18.63 19.08 -8.16
N GLU B 97 -18.81 18.15 -7.21
CA GLU B 97 -18.52 16.75 -7.46
C GLU B 97 -19.78 16.31 -8.19
N THR B 98 -19.60 15.65 -9.33
CA THR B 98 -20.72 15.29 -10.16
C THR B 98 -20.63 13.97 -10.89
N LEU B 99 -21.79 13.39 -11.20
CA LEU B 99 -21.84 12.17 -11.99
C LEU B 99 -22.54 12.65 -13.24
N ALA B 100 -22.15 12.15 -14.39
CA ALA B 100 -22.78 12.58 -15.63
C ALA B 100 -23.22 11.42 -16.50
N LYS B 101 -24.43 11.52 -17.04
CA LYS B 101 -24.95 10.49 -17.95
C LYS B 101 -24.14 10.63 -19.23
N PRO B 102 -24.25 9.68 -20.18
CA PRO B 102 -23.39 9.90 -21.33
C PRO B 102 -22.07 10.53 -20.92
N ALA B 103 -21.52 10.03 -19.81
CA ALA B 103 -20.26 10.50 -19.25
C ALA B 103 -19.20 10.76 -20.32
N LYS B 104 -19.06 9.82 -21.25
CA LYS B 104 -18.10 9.95 -22.33
C LYS B 104 -18.17 11.34 -22.97
N ARG B 105 -19.39 11.87 -23.13
CA ARG B 105 -19.60 13.18 -23.73
C ARG B 105 -18.95 14.31 -22.96
N VAL B 106 -18.90 14.20 -21.64
CA VAL B 106 -18.30 15.25 -20.86
C VAL B 106 -16.82 15.00 -20.68
N LYS B 107 -16.00 15.91 -21.21
CA LYS B 107 -14.56 15.73 -21.13
C LYS B 107 -13.84 16.98 -20.71
N LYS B 108 -12.55 16.96 -21.01
CA LYS B 108 -11.61 18.03 -20.75
C LYS B 108 -12.32 19.14 -20.02
N GLY B 109 -12.72 20.13 -20.82
CA GLY B 109 -13.41 21.31 -20.34
C GLY B 109 -14.66 21.57 -21.18
N THR B 110 -15.40 20.50 -21.47
CA THR B 110 -16.65 20.55 -22.22
C THR B 110 -17.59 21.55 -21.55
N VAL B 111 -18.54 22.08 -22.31
CA VAL B 111 -19.51 23.01 -21.76
C VAL B 111 -20.89 22.48 -21.97
N VAL B 112 -21.71 22.58 -20.93
CA VAL B 112 -23.09 22.10 -20.97
C VAL B 112 -24.02 23.23 -20.60
N THR B 113 -25.13 23.35 -21.33
CA THR B 113 -26.10 24.39 -21.06
C THR B 113 -27.34 23.82 -20.43
N PHE B 114 -27.96 24.63 -19.59
CA PHE B 114 -29.18 24.22 -18.92
C PHE B 114 -30.25 25.26 -19.21
N GLY B 115 -31.41 24.78 -19.64
CA GLY B 115 -32.51 25.66 -19.97
C GLY B 115 -32.26 26.72 -21.02
N ASP B 116 -32.65 27.95 -20.68
CA ASP B 116 -32.50 29.09 -21.58
C ASP B 116 -31.06 29.60 -21.62
N GLY B 117 -30.15 28.90 -20.93
CA GLY B 117 -28.78 29.36 -20.96
C GLY B 117 -28.33 29.96 -19.65
N ARG B 118 -29.27 30.41 -18.82
CA ARG B 118 -28.89 30.95 -17.51
C ARG B 118 -28.20 29.75 -16.91
N LEU B 119 -26.98 29.88 -16.44
CA LEU B 119 -26.29 28.71 -15.89
C LEU B 119 -25.87 27.67 -16.93
N LYS B 120 -24.56 27.55 -17.09
CA LYS B 120 -23.94 26.58 -17.96
C LYS B 120 -22.93 26.00 -17.01
N ALA B 121 -22.03 25.15 -17.50
CA ALA B 121 -21.03 24.56 -16.62
C ALA B 121 -19.95 23.87 -17.43
N ILE B 122 -18.70 24.05 -17.00
CA ILE B 122 -17.58 23.43 -17.69
C ILE B 122 -17.03 22.29 -16.84
N CYS B 123 -16.54 21.26 -17.54
CA CYS B 123 -15.95 20.10 -16.89
C CYS B 123 -14.51 20.44 -16.57
N THR B 124 -14.24 20.87 -15.35
CA THR B 124 -12.88 21.22 -14.98
C THR B 124 -12.00 20.00 -14.74
N GLU B 125 -12.52 18.79 -14.94
CA GLU B 125 -11.70 17.60 -14.69
C GLU B 125 -12.50 16.29 -14.60
N GLU B 126 -11.90 15.20 -15.09
CA GLU B 126 -12.53 13.89 -15.00
C GLU B 126 -12.23 13.33 -13.60
N LEU B 127 -13.14 12.54 -13.03
CA LEU B 127 -12.92 11.98 -11.71
C LEU B 127 -12.76 10.46 -11.72
N GLU B 128 -11.94 9.97 -10.81
CA GLU B 128 -11.63 8.56 -10.69
C GLU B 128 -12.86 7.66 -10.66
N HIS B 129 -13.87 8.02 -9.87
CA HIS B 129 -15.06 7.18 -9.79
C HIS B 129 -15.94 7.34 -11.02
N GLY B 130 -15.38 7.97 -12.05
CA GLY B 130 -16.11 8.18 -13.29
C GLY B 130 -16.95 9.43 -13.29
N GLY B 131 -16.96 10.13 -12.16
CA GLY B 131 -17.73 11.35 -12.05
C GLY B 131 -17.07 12.45 -12.86
N ARG B 132 -17.39 13.68 -12.53
CA ARG B 132 -16.82 14.80 -13.25
C ARG B 132 -16.99 16.06 -12.43
N LYS B 133 -15.89 16.79 -12.22
CA LYS B 133 -15.97 18.03 -11.47
C LYS B 133 -16.39 19.04 -12.53
N MET B 134 -17.41 19.82 -12.20
CA MET B 134 -17.91 20.79 -13.16
C MET B 134 -17.97 22.11 -12.44
N GLU B 135 -17.94 23.18 -13.22
CA GLU B 135 -18.02 24.49 -12.63
C GLU B 135 -19.11 25.32 -13.29
N PHE B 136 -20.02 25.83 -12.47
CA PHE B 136 -21.13 26.60 -12.96
C PHE B 136 -20.88 28.06 -13.20
N GLN B 137 -21.41 28.54 -14.31
CA GLN B 137 -21.30 29.93 -14.70
C GLN B 137 -22.72 30.46 -14.66
N TYR B 138 -22.91 31.65 -14.10
CA TYR B 138 -24.25 32.20 -14.01
C TYR B 138 -24.22 33.59 -13.36
N ASP B 139 -25.38 34.21 -13.28
CA ASP B 139 -25.50 35.54 -12.68
C ASP B 139 -26.53 35.44 -11.58
N GLY B 140 -26.40 36.29 -10.56
CA GLY B 140 -27.34 36.28 -9.46
C GLY B 140 -26.96 35.23 -8.44
N ILE B 141 -27.94 34.78 -7.67
CA ILE B 141 -27.68 33.77 -6.65
C ILE B 141 -27.86 32.36 -7.20
N PHE B 142 -26.77 31.61 -7.16
CA PHE B 142 -26.79 30.24 -7.65
C PHE B 142 -28.04 29.50 -7.19
N TYR B 143 -28.13 29.27 -5.89
CA TYR B 143 -29.27 28.57 -5.32
C TYR B 143 -30.60 29.09 -5.82
N GLU B 144 -30.59 30.32 -6.31
CA GLU B 144 -31.82 30.89 -6.84
C GLU B 144 -32.01 30.38 -8.25
N VAL B 145 -30.98 30.54 -9.07
CA VAL B 145 -31.01 30.12 -10.46
C VAL B 145 -31.56 28.71 -10.55
N LEU B 146 -31.02 27.82 -9.73
CA LEU B 146 -31.47 26.44 -9.72
C LEU B 146 -32.96 26.43 -9.52
N GLU B 147 -33.36 26.84 -8.33
CA GLU B 147 -34.76 26.91 -7.97
C GLU B 147 -35.58 27.34 -9.18
N SER B 148 -35.01 28.28 -9.94
CA SER B 148 -35.61 28.80 -11.16
C SER B 148 -35.86 27.64 -12.10
N LEU B 149 -34.76 26.96 -12.45
CA LEU B 149 -34.80 25.82 -13.36
C LEU B 149 -35.70 24.74 -12.80
N GLY B 150 -35.91 24.81 -11.49
CA GLY B 150 -36.77 23.87 -10.81
C GLY B 150 -38.13 23.83 -11.46
N GLU B 151 -38.71 25.01 -11.71
CA GLU B 151 -40.02 25.12 -12.37
C GLU B 151 -39.96 25.21 -13.88
N MET B 152 -38.79 24.98 -14.44
CA MET B 152 -38.70 25.06 -15.88
C MET B 152 -38.78 23.69 -16.55
N PRO B 153 -39.81 23.48 -17.36
CA PRO B 153 -39.97 22.19 -18.04
C PRO B 153 -38.81 21.92 -18.99
N LEU B 154 -38.57 20.65 -19.28
CA LEU B 154 -37.48 20.34 -20.17
C LEU B 154 -37.79 20.73 -21.60
N PRO B 155 -36.90 21.49 -22.24
CA PRO B 155 -37.14 21.88 -23.62
C PRO B 155 -37.38 20.63 -24.46
N PRO B 156 -38.23 20.72 -25.49
CA PRO B 156 -38.53 19.58 -26.35
C PRO B 156 -37.23 18.91 -26.79
N TYR B 157 -36.36 19.74 -27.35
CA TYR B 157 -35.05 19.36 -27.82
C TYR B 157 -34.52 18.12 -27.07
N ILE B 158 -34.55 18.23 -25.75
CA ILE B 158 -34.11 17.20 -24.80
C ILE B 158 -35.25 16.24 -24.55
N LYS B 159 -36.33 16.83 -24.04
CA LYS B 159 -37.59 16.17 -23.71
C LYS B 159 -37.82 14.91 -24.49
N GLU B 160 -37.66 15.03 -25.81
CA GLU B 160 -37.83 13.93 -26.76
C GLU B 160 -36.80 12.85 -26.47
N GLN B 161 -35.55 13.26 -26.33
CA GLN B 161 -34.43 12.38 -26.04
C GLN B 161 -34.64 11.54 -24.76
N LEU B 162 -35.71 11.82 -24.03
CA LEU B 162 -35.97 11.10 -22.78
C LEU B 162 -37.21 10.20 -22.74
N ASP B 163 -37.91 10.27 -21.60
CA ASP B 163 -39.09 9.45 -21.37
C ASP B 163 -40.05 10.05 -20.30
N ASP B 164 -39.62 11.15 -19.65
CA ASP B 164 -40.40 11.82 -18.59
C ASP B 164 -40.56 13.36 -18.69
N LYS B 165 -40.50 14.07 -17.55
CA LYS B 165 -40.67 15.54 -17.50
C LYS B 165 -39.59 16.34 -16.74
N GLU B 166 -40.03 17.26 -15.87
CA GLU B 166 -39.17 18.13 -15.04
C GLU B 166 -38.10 18.97 -15.72
N ALA B 179 -37.04 5.56 -2.85
CA ALA B 179 -37.56 4.31 -2.29
C ALA B 179 -37.90 4.49 -0.81
N ALA B 180 -37.03 3.97 0.05
CA ALA B 180 -37.22 4.06 1.50
C ALA B 180 -35.99 3.44 2.15
N ALA B 181 -35.21 4.29 2.83
CA ALA B 181 -33.97 3.90 3.51
C ALA B 181 -34.09 2.64 4.36
N PRO B 182 -33.75 1.47 3.80
CA PRO B 182 -33.83 0.23 4.59
C PRO B 182 -32.89 0.34 5.81
N THR B 183 -31.82 -0.45 5.82
CA THR B 183 -30.86 -0.40 6.91
C THR B 183 -31.49 -0.68 8.27
N ALA B 184 -30.97 -1.70 8.96
CA ALA B 184 -31.46 -2.04 10.29
C ALA B 184 -31.39 -0.78 11.17
N GLY B 185 -30.87 0.31 10.60
CA GLY B 185 -30.74 1.55 11.33
C GLY B 185 -32.01 2.33 11.53
N LEU B 186 -33.14 1.63 11.63
CA LEU B 186 -34.40 2.31 11.85
C LEU B 186 -34.89 2.15 13.27
N HIS B 187 -34.42 1.10 13.95
CA HIS B 187 -34.79 0.86 15.34
C HIS B 187 -34.31 2.03 16.19
N PHE B 188 -33.88 3.12 15.56
CA PHE B 188 -33.37 4.27 16.31
C PHE B 188 -34.30 5.41 16.67
N THR B 189 -35.09 5.20 17.72
CA THR B 189 -36.03 6.18 18.22
C THR B 189 -35.26 7.46 18.44
N GLU B 190 -35.81 8.55 17.92
CA GLU B 190 -35.19 9.84 18.09
C GLU B 190 -34.71 9.96 19.54
N GLU B 191 -35.45 9.32 20.44
CA GLU B 191 -35.11 9.34 21.86
C GLU B 191 -33.79 8.67 22.15
N ILE B 192 -33.66 7.42 21.71
CA ILE B 192 -32.44 6.67 21.92
C ILE B 192 -31.27 7.51 21.40
N LEU B 193 -31.47 8.08 20.22
CA LEU B 193 -30.46 8.92 19.61
C LEU B 193 -29.98 9.94 20.64
N GLN B 194 -30.92 10.48 21.39
CA GLN B 194 -30.62 11.48 22.41
C GLN B 194 -29.89 10.83 23.57
N GLN B 195 -30.45 9.73 24.09
CA GLN B 195 -29.85 9.02 25.20
C GLN B 195 -28.36 8.85 24.94
N LEU B 196 -28.05 8.18 23.83
CA LEU B 196 -26.68 7.91 23.39
C LEU B 196 -25.84 9.17 23.41
N LYS B 197 -26.42 10.26 22.94
CA LYS B 197 -25.71 11.53 22.94
C LYS B 197 -25.43 11.84 24.38
N ASP B 198 -26.50 11.96 25.16
CA ASP B 198 -26.39 12.26 26.58
C ASP B 198 -25.33 11.40 27.26
N LYS B 199 -25.43 10.09 27.08
CA LYS B 199 -24.47 9.18 27.69
C LYS B 199 -23.03 9.48 27.32
N GLY B 200 -22.80 9.87 26.07
CA GLY B 200 -21.44 10.19 25.65
C GLY B 200 -20.97 9.32 24.50
N VAL B 201 -21.94 8.93 23.67
CA VAL B 201 -21.66 8.11 22.52
C VAL B 201 -21.93 8.99 21.32
N GLN B 202 -20.91 9.25 20.51
CA GLN B 202 -21.09 10.11 19.35
C GLN B 202 -21.87 9.43 18.25
N ILE B 203 -22.36 10.26 17.34
CA ILE B 203 -23.14 9.76 16.25
C ILE B 203 -22.67 10.40 14.97
N GLU B 204 -22.16 9.57 14.08
CA GLU B 204 -21.68 10.05 12.80
C GLU B 204 -22.54 9.50 11.67
N PHE B 205 -22.57 10.23 10.57
CA PHE B 205 -23.35 9.81 9.42
C PHE B 205 -22.50 9.64 8.19
N ILE B 206 -22.92 8.69 7.37
CA ILE B 206 -22.27 8.38 6.13
C ILE B 206 -23.37 8.53 5.12
N THR B 207 -23.04 8.62 3.84
CA THR B 207 -24.09 8.76 2.84
C THR B 207 -24.00 7.74 1.75
N LEU B 208 -25.10 7.05 1.46
CA LEU B 208 -25.05 6.06 0.42
C LEU B 208 -26.21 6.19 -0.56
N HIS B 209 -25.90 6.07 -1.86
CA HIS B 209 -26.90 6.22 -2.92
C HIS B 209 -27.03 4.95 -3.72
N VAL B 210 -28.25 4.63 -4.15
CA VAL B 210 -28.50 3.40 -4.88
C VAL B 210 -28.69 3.36 -6.41
N GLY B 211 -29.75 3.93 -6.94
CA GLY B 211 -29.97 3.85 -8.37
C GLY B 211 -28.91 4.41 -9.29
N LEU B 212 -27.94 5.09 -8.69
CA LEU B 212 -26.89 5.75 -9.46
C LEU B 212 -26.03 4.92 -10.40
N GLY B 213 -25.99 3.61 -10.19
CA GLY B 213 -25.18 2.75 -11.04
C GLY B 213 -25.12 3.09 -12.54
N THR B 214 -26.28 3.44 -13.07
CA THR B 214 -26.43 3.75 -14.49
C THR B 214 -25.56 4.95 -14.94
N PHE B 215 -24.84 5.57 -14.02
CA PHE B 215 -24.01 6.72 -14.34
C PHE B 215 -22.54 6.43 -14.64
N ARG B 216 -22.14 5.17 -14.53
CA ARG B 216 -20.76 4.75 -14.79
C ARG B 216 -20.40 4.75 -16.29
N MET B 228 -21.47 -1.80 -12.19
CA MET B 228 -22.83 -1.53 -12.67
C MET B 228 -23.73 -1.12 -11.50
N HIS B 229 -24.56 -2.06 -11.03
CA HIS B 229 -25.46 -1.78 -9.91
C HIS B 229 -24.75 -1.79 -8.56
N ALA B 230 -23.84 -0.84 -8.38
CA ALA B 230 -23.09 -0.71 -7.13
C ALA B 230 -23.63 0.51 -6.41
N GLU B 231 -23.36 0.61 -5.13
CA GLU B 231 -23.82 1.77 -4.39
C GLU B 231 -22.74 2.84 -4.42
N PHE B 232 -23.13 4.09 -4.20
CA PHE B 232 -22.19 5.19 -4.20
C PHE B 232 -22.17 5.74 -2.81
N TYR B 233 -20.98 5.80 -2.22
CA TYR B 233 -20.86 6.29 -0.87
C TYR B 233 -20.12 7.60 -0.85
N GLN B 234 -20.19 8.28 0.29
CA GLN B 234 -19.56 9.56 0.46
C GLN B 234 -19.33 9.75 1.93
N MET B 235 -18.07 9.96 2.31
CA MET B 235 -17.71 10.23 3.70
C MET B 235 -17.12 11.61 3.73
N SER B 236 -17.53 12.43 4.69
CA SER B 236 -17.02 13.79 4.80
C SER B 236 -15.72 13.90 5.57
N GLU B 237 -15.07 15.03 5.36
CA GLU B 237 -13.82 15.38 6.01
C GLU B 237 -14.00 15.30 7.52
N GLU B 238 -15.05 15.95 8.01
CA GLU B 238 -15.37 15.98 9.43
C GLU B 238 -15.69 14.60 9.91
N THR B 239 -16.59 13.92 9.22
CA THR B 239 -16.93 12.56 9.61
C THR B 239 -15.66 11.72 9.73
N ALA B 240 -14.85 11.71 8.67
CA ALA B 240 -13.62 10.94 8.70
C ALA B 240 -12.83 11.34 9.93
N ALA B 241 -12.58 12.64 10.03
CA ALA B 241 -11.84 13.20 11.16
C ALA B 241 -12.36 12.65 12.50
N ALA B 242 -13.66 12.76 12.71
CA ALA B 242 -14.33 12.31 13.91
C ALA B 242 -14.05 10.84 14.26
N LEU B 243 -14.17 9.97 13.26
CA LEU B 243 -13.95 8.55 13.49
C LEU B 243 -12.51 8.25 13.83
N ASN B 244 -11.58 9.03 13.29
CA ASN B 244 -10.18 8.79 13.58
C ASN B 244 -9.90 9.11 15.04
N LYS B 245 -10.47 10.21 15.53
CA LYS B 245 -10.31 10.59 16.94
C LYS B 245 -10.71 9.40 17.78
N VAL B 246 -11.95 8.96 17.59
CA VAL B 246 -12.49 7.82 18.31
C VAL B 246 -11.54 6.64 18.29
N ARG B 247 -10.93 6.36 17.15
CA ARG B 247 -10.01 5.24 17.05
C ARG B 247 -8.78 5.55 17.90
N GLU B 248 -8.30 6.79 17.80
CA GLU B 248 -7.14 7.23 18.57
C GLU B 248 -7.43 7.09 20.05
N ASN B 249 -8.42 7.85 20.51
CA ASN B 249 -8.81 7.83 21.91
C ASN B 249 -9.27 6.48 22.41
N GLY B 250 -9.04 5.44 21.61
CA GLY B 250 -9.44 4.11 22.02
C GLY B 250 -10.93 3.92 22.29
N GLY B 251 -11.77 4.45 21.43
CA GLY B 251 -13.21 4.26 21.59
C GLY B 251 -13.60 3.16 20.62
N ARG B 252 -14.87 2.81 20.56
CA ARG B 252 -15.32 1.78 19.62
C ARG B 252 -16.23 2.33 18.55
N ILE B 253 -16.10 1.77 17.36
CA ILE B 253 -16.90 2.17 16.21
C ILE B 253 -17.87 1.06 15.89
N ILE B 254 -19.14 1.42 15.85
CA ILE B 254 -20.17 0.47 15.54
C ILE B 254 -20.99 1.00 14.40
N SER B 255 -21.11 0.18 13.36
CA SER B 255 -21.89 0.56 12.19
C SER B 255 -23.32 0.10 12.34
N VAL B 256 -24.22 1.01 12.06
CA VAL B 256 -25.65 0.76 12.12
C VAL B 256 -26.03 0.72 10.67
N GLY B 257 -25.73 -0.41 10.05
CA GLY B 257 -26.02 -0.52 8.65
C GLY B 257 -25.87 -1.93 8.16
N THR B 258 -27.03 -2.53 7.85
CA THR B 258 -27.11 -3.89 7.31
C THR B 258 -26.10 -3.79 6.10
N THR B 259 -25.89 -2.55 5.63
CA THR B 259 -25.00 -2.24 4.51
C THR B 259 -23.78 -1.37 4.82
N SER B 260 -24.00 -0.12 5.28
CA SER B 260 -22.94 0.87 5.61
C SER B 260 -21.65 0.32 6.21
N THR B 261 -21.75 -0.83 6.86
CA THR B 261 -20.58 -1.47 7.42
C THR B 261 -19.55 -1.67 6.31
N ARG B 262 -20.03 -1.93 5.10
CA ARG B 262 -19.15 -2.14 3.94
C ARG B 262 -18.53 -0.85 3.44
N THR B 263 -19.27 0.24 3.51
CA THR B 263 -18.71 1.52 3.11
C THR B 263 -17.48 1.74 4.01
N LEU B 264 -17.72 1.79 5.32
CA LEU B 264 -16.68 2.00 6.28
C LEU B 264 -15.52 1.10 5.99
N GLU B 265 -15.80 -0.19 6.02
CA GLU B 265 -14.79 -1.19 5.77
C GLU B 265 -14.07 -0.84 4.47
N THR B 266 -14.81 -0.55 3.39
CA THR B 266 -14.16 -0.18 2.13
C THR B 266 -13.19 0.98 2.33
N ILE B 267 -13.68 2.07 2.91
CA ILE B 267 -12.86 3.25 3.13
C ILE B 267 -11.58 2.95 3.88
N ALA B 268 -11.69 2.59 5.15
CA ALA B 268 -10.52 2.27 5.95
C ALA B 268 -9.69 1.20 5.29
N GLY B 269 -10.29 0.46 4.36
CA GLY B 269 -9.53 -0.57 3.69
C GLY B 269 -8.47 0.05 2.81
N GLU B 270 -8.85 1.12 2.12
CA GLU B 270 -7.94 1.78 1.20
C GLU B 270 -7.11 2.87 1.83
N HIS B 271 -6.94 2.83 3.14
CA HIS B 271 -6.13 3.83 3.80
C HIS B 271 -5.53 3.23 5.05
N ASP B 272 -5.60 1.92 5.14
CA ASP B 272 -5.07 1.22 6.29
C ASP B 272 -5.72 1.71 7.58
N GLY B 273 -6.82 1.07 7.95
CA GLY B 273 -7.54 1.41 9.18
C GLY B 273 -7.84 2.87 9.45
N GLN B 274 -7.42 3.74 8.56
CA GLN B 274 -7.65 5.15 8.75
C GLN B 274 -8.76 5.65 7.83
N PHE B 275 -9.52 6.64 8.30
CA PHE B 275 -10.62 7.20 7.51
C PHE B 275 -10.21 8.53 6.87
N LYS B 276 -10.69 8.76 5.65
CA LYS B 276 -10.42 9.98 4.90
C LYS B 276 -11.69 10.36 4.19
N ALA B 277 -11.89 11.65 3.94
CA ALA B 277 -13.09 12.06 3.23
C ALA B 277 -12.98 11.33 1.91
N SER B 278 -14.11 11.00 1.30
CA SER B 278 -14.07 10.29 0.03
C SER B 278 -15.44 9.87 -0.43
N SER B 279 -15.48 9.42 -1.68
CA SER B 279 -16.72 9.01 -2.28
C SER B 279 -16.40 8.06 -3.39
N GLY B 280 -17.30 7.17 -3.69
CA GLY B 280 -17.01 6.24 -4.76
C GLY B 280 -17.99 5.13 -4.72
N TRP B 281 -17.70 4.14 -5.55
CA TRP B 281 -18.53 2.95 -5.69
C TRP B 281 -18.06 1.87 -4.75
N THR B 282 -19.00 1.31 -3.99
CA THR B 282 -18.66 0.26 -3.07
C THR B 282 -19.17 -1.08 -3.62
N SER B 283 -18.27 -2.04 -3.70
CA SER B 283 -18.60 -3.37 -4.19
C SER B 283 -17.98 -4.44 -3.32
N ILE B 284 -17.33 -4.06 -2.24
CA ILE B 284 -16.68 -5.03 -1.40
C ILE B 284 -17.62 -6.14 -1.04
N PHE B 285 -17.07 -7.33 -0.96
CA PHE B 285 -17.82 -8.53 -0.62
C PHE B 285 -17.08 -9.15 0.54
N ILE B 286 -17.61 -8.97 1.75
CA ILE B 286 -16.99 -9.51 2.95
C ILE B 286 -17.44 -10.95 3.18
N TYR B 287 -16.50 -11.77 3.63
CA TYR B 287 -16.73 -13.18 3.85
C TYR B 287 -15.71 -13.69 4.87
N PRO B 288 -16.08 -14.68 5.69
CA PRO B 288 -15.21 -15.26 6.71
C PRO B 288 -13.78 -15.20 6.28
N GLY B 289 -12.91 -14.74 7.18
CA GLY B 289 -11.50 -14.64 6.86
C GLY B 289 -11.14 -13.18 6.73
N TYR B 290 -12.03 -12.40 6.14
CA TYR B 290 -11.78 -10.98 5.98
C TYR B 290 -11.46 -10.35 7.32
N GLU B 291 -10.43 -9.52 7.37
CA GLU B 291 -10.09 -8.87 8.62
C GLU B 291 -10.64 -7.44 8.65
N PHE B 292 -11.64 -7.21 9.49
CA PHE B 292 -12.25 -5.90 9.63
C PHE B 292 -11.24 -4.90 10.08
N LYS B 293 -11.29 -3.71 9.50
CA LYS B 293 -10.34 -2.67 9.85
C LYS B 293 -11.10 -1.40 10.14
N ALA B 294 -12.41 -1.46 10.04
CA ALA B 294 -13.21 -0.26 10.28
C ALA B 294 -14.04 -0.34 11.55
N ILE B 295 -14.92 -1.33 11.62
CA ILE B 295 -15.78 -1.47 12.77
C ILE B 295 -15.28 -2.41 13.87
N ASP B 296 -15.83 -2.24 15.07
CA ASP B 296 -15.49 -3.06 16.22
C ASP B 296 -16.68 -3.95 16.50
N GLY B 297 -17.84 -3.46 16.07
CA GLY B 297 -19.08 -4.19 16.24
C GLY B 297 -20.03 -3.54 15.27
N MET B 298 -21.11 -4.23 14.93
CA MET B 298 -22.11 -3.69 14.01
C MET B 298 -23.51 -4.03 14.51
N ILE B 299 -24.51 -3.37 13.93
CA ILE B 299 -25.90 -3.59 14.31
C ILE B 299 -26.77 -3.84 13.10
N THR B 300 -27.13 -5.10 12.89
CA THR B 300 -28.01 -5.42 11.77
C THR B 300 -29.06 -6.48 12.13
N ASN B 301 -29.48 -7.26 11.14
CA ASN B 301 -30.48 -8.27 11.37
C ASN B 301 -29.95 -9.67 11.18
N PHE B 302 -30.83 -10.66 11.33
CA PHE B 302 -30.47 -12.06 11.14
C PHE B 302 -30.79 -12.27 9.68
N HIS B 303 -30.05 -13.13 9.00
CA HIS B 303 -30.31 -13.32 7.59
C HIS B 303 -30.57 -14.75 7.13
N LEU B 304 -30.89 -14.91 5.84
CA LEU B 304 -31.22 -16.22 5.26
C LEU B 304 -30.13 -17.30 5.25
N PRO B 305 -30.53 -18.57 5.42
CA PRO B 305 -29.63 -19.72 5.44
C PRO B 305 -28.82 -19.92 4.16
N LYS B 306 -27.96 -18.96 3.82
CA LYS B 306 -27.08 -19.02 2.64
C LYS B 306 -26.97 -17.77 1.80
N SER B 307 -27.86 -16.80 2.02
CA SER B 307 -27.74 -15.54 1.29
C SER B 307 -26.28 -15.14 1.52
N SER B 308 -25.91 -13.95 1.12
CA SER B 308 -24.53 -13.53 1.24
C SER B 308 -24.30 -12.68 2.47
N LEU B 309 -25.33 -12.42 3.25
CA LEU B 309 -25.13 -11.57 4.42
C LEU B 309 -24.58 -12.37 5.60
N ILE B 310 -25.03 -13.61 5.75
CA ILE B 310 -24.56 -14.48 6.83
C ILE B 310 -23.04 -14.58 6.85
N MET B 311 -22.46 -14.65 5.64
CA MET B 311 -21.00 -14.76 5.45
C MET B 311 -20.36 -13.48 5.97
N LEU B 312 -21.00 -12.36 5.65
CA LEU B 312 -20.49 -11.08 6.11
C LEU B 312 -20.37 -11.23 7.61
N VAL B 313 -21.53 -11.29 8.26
CA VAL B 313 -21.62 -11.43 9.68
C VAL B 313 -20.66 -12.50 10.18
N SER B 314 -20.73 -13.68 9.57
CA SER B 314 -19.86 -14.80 9.94
C SER B 314 -18.38 -14.40 10.00
N ALA B 315 -17.95 -13.55 9.09
CA ALA B 315 -16.55 -13.12 9.08
C ALA B 315 -16.30 -12.29 10.32
N LEU B 316 -17.34 -11.64 10.83
CA LEU B 316 -17.21 -10.79 12.00
C LEU B 316 -17.01 -11.56 13.31
N ALA B 317 -17.90 -12.51 13.60
CA ALA B 317 -17.81 -13.27 14.85
C ALA B 317 -17.43 -14.74 14.70
N GLY B 318 -17.16 -15.18 13.48
CA GLY B 318 -16.82 -16.58 13.26
C GLY B 318 -18.07 -17.28 12.73
N ARG B 319 -17.89 -18.19 11.78
CA ARG B 319 -19.03 -18.90 11.20
C ARG B 319 -19.80 -19.74 12.20
N GLU B 320 -19.08 -20.35 13.13
CA GLU B 320 -19.69 -21.20 14.14
C GLU B 320 -20.57 -20.39 15.09
N ASN B 321 -19.94 -19.58 15.93
CA ASN B 321 -20.65 -18.74 16.89
C ASN B 321 -21.93 -18.18 16.29
N ILE B 322 -21.80 -17.48 15.17
CA ILE B 322 -22.97 -16.91 14.50
C ILE B 322 -24.00 -18.00 14.26
N LEU B 323 -23.57 -19.12 13.69
CA LEU B 323 -24.46 -20.24 13.37
C LEU B 323 -25.31 -20.68 14.55
N ARG B 324 -24.65 -21.09 15.64
CA ARG B 324 -25.33 -21.55 16.85
C ARG B 324 -26.30 -20.49 17.34
N ALA B 325 -25.90 -19.23 17.20
CA ALA B 325 -26.73 -18.09 17.60
C ALA B 325 -27.94 -18.06 16.67
N TYR B 326 -27.74 -18.42 15.41
CA TYR B 326 -28.85 -18.43 14.50
C TYR B 326 -29.78 -19.55 14.89
N ASN B 327 -29.20 -20.63 15.42
CA ASN B 327 -29.97 -21.80 15.84
C ASN B 327 -30.75 -21.52 17.12
N HIS B 328 -30.16 -20.74 18.01
CA HIS B 328 -30.81 -20.38 19.27
C HIS B 328 -31.80 -19.23 19.04
N ALA B 329 -31.60 -18.47 17.98
CA ALA B 329 -32.48 -17.36 17.64
C ALA B 329 -33.79 -17.97 17.17
N VAL B 330 -33.67 -19.00 16.34
CA VAL B 330 -34.80 -19.73 15.81
C VAL B 330 -35.49 -20.43 16.98
N GLU B 331 -34.68 -21.02 17.85
CA GLU B 331 -35.13 -21.73 19.06
C GLU B 331 -36.08 -20.80 19.83
N GLU B 332 -35.54 -19.70 20.34
CA GLU B 332 -36.33 -18.72 21.09
C GLU B 332 -37.23 -17.94 20.14
N GLU B 333 -37.61 -18.59 19.04
CA GLU B 333 -38.46 -18.00 18.01
C GLU B 333 -38.30 -16.51 17.88
N TYR B 334 -37.13 -16.12 17.34
CA TYR B 334 -36.77 -14.72 17.09
C TYR B 334 -37.28 -14.47 15.68
N ARG B 335 -37.66 -13.23 15.39
CA ARG B 335 -38.14 -12.89 14.05
C ARG B 335 -36.91 -12.56 13.17
N PHE B 336 -36.75 -13.30 12.06
CA PHE B 336 -35.60 -13.10 11.18
C PHE B 336 -35.84 -12.15 10.00
N PHE B 337 -34.73 -11.61 9.49
CA PHE B 337 -34.70 -10.73 8.32
C PHE B 337 -34.92 -9.23 8.38
N SER B 338 -35.64 -8.75 7.37
CA SER B 338 -35.97 -7.35 7.11
C SER B 338 -36.61 -6.49 8.16
N PHE B 339 -37.50 -7.07 8.96
CA PHE B 339 -38.18 -6.30 9.99
C PHE B 339 -38.10 -6.99 11.30
N GLY B 340 -37.57 -8.21 11.27
CA GLY B 340 -37.43 -8.98 12.50
C GLY B 340 -36.64 -8.25 13.56
N ASP B 341 -36.05 -9.03 14.46
CA ASP B 341 -35.27 -8.52 15.57
C ASP B 341 -33.86 -8.06 15.13
N ALA B 342 -33.24 -7.23 15.97
CA ALA B 342 -31.92 -6.70 15.72
C ALA B 342 -30.81 -7.50 16.41
N MET B 343 -29.62 -7.48 15.81
CA MET B 343 -28.47 -8.19 16.37
C MET B 343 -27.33 -7.19 16.64
N LEU B 344 -26.37 -7.57 17.47
CA LEU B 344 -25.25 -6.68 17.78
C LEU B 344 -23.97 -7.42 18.18
N ILE B 345 -22.81 -6.77 18.02
CA ILE B 345 -21.55 -7.44 18.37
C ILE B 345 -20.54 -6.75 19.35
#